data_3QNL
#
_entry.id   3QNL
#
_cell.length_a   49.418
_cell.length_b   67.031
_cell.length_c   85.498
_cell.angle_alpha   90.00
_cell.angle_beta   90.00
_cell.angle_gamma   90.00
#
_symmetry.space_group_name_H-M   'P 21 21 21'
#
loop_
_entity.id
_entity.type
_entity.pdbx_description
1 polymer 'Phospholipase A2 homolog 1'
2 non-polymer 'ISOPROPYL ALCOHOL'
3 non-polymer '(2R)-3-(3,4-dihydroxyphenyl)-2-{[(2E)-3-(3,4-dihydroxyphenyl)prop-2-enoyl]oxy}propanoic acid'
4 non-polymer 3,6,9,12,15,18-HEXAOXAICOSANE-1,20-DIOL
5 water water
#
_entity_poly.entity_id   1
_entity_poly.type   'polypeptide(L)'
_entity_poly.pdbx_seq_one_letter_code
;SLFELGKMILQETGKNPAKSYGAYGCNCGVLGRGKPKDATDRCCYVHKCCYKKLTGCNPKKDRYSYSWKDKTIVCGENNP
CLKELCECDKAVAICLRENLGTYNKLYRYHLKPFCKKADDC
;
_entity_poly.pdbx_strand_id   A,B
#
loop_
_chem_comp.id
_chem_comp.type
_chem_comp.name
_chem_comp.formula
IPA non-polymer 'ISOPROPYL ALCOHOL' 'C3 H8 O'
P33 non-polymer 3,6,9,12,15,18-HEXAOXAICOSANE-1,20-DIOL 'C14 H30 O8'
ROA non-polymer '(2R)-3-(3,4-dihydroxyphenyl)-2-{[(2E)-3-(3,4-dihydroxyphenyl)prop-2-enoyl]oxy}propanoic acid' 'C18 H16 O8'
#
# COMPACT_ATOMS: atom_id res chain seq x y z
N SER A 1 -0.02 -9.26 9.97
CA SER A 1 0.19 -8.83 8.56
C SER A 1 -0.94 -7.94 8.16
N LEU A 2 -0.89 -7.42 6.95
CA LEU A 2 -1.98 -6.61 6.43
C LEU A 2 -3.31 -7.33 6.41
N PHE A 3 -3.29 -8.65 6.24
CA PHE A 3 -4.56 -9.43 6.31
C PHE A 3 -5.26 -9.20 7.65
N GLU A 4 -4.54 -9.41 8.76
CA GLU A 4 -5.16 -9.29 10.07
C GLU A 4 -5.55 -7.80 10.33
N LEU A 5 -4.64 -6.89 9.96
CA LEU A 5 -4.88 -5.46 10.20
C LEU A 5 -6.14 -4.99 9.45
N GLY A 6 -6.27 -5.41 8.20
CA GLY A 6 -7.43 -5.00 7.46
C GLY A 6 -8.72 -5.64 7.99
N LYS A 7 -8.65 -6.89 8.39
CA LYS A 7 -9.81 -7.53 9.04
C LYS A 7 -10.24 -6.78 10.32
N MET A 8 -9.30 -6.47 11.17
CA MET A 8 -9.60 -5.66 12.40
C MET A 8 -10.26 -4.31 12.10
N ILE A 9 -9.79 -3.58 11.08
CA ILE A 9 -10.33 -2.29 10.80
C ILE A 9 -11.75 -2.52 10.30
N LEU A 10 -11.97 -3.55 9.49
CA LEU A 10 -13.34 -3.85 9.06
C LEU A 10 -14.26 -4.20 10.27
N GLN A 11 -13.78 -5.04 11.17
CA GLN A 11 -14.60 -5.46 12.32
C GLN A 11 -14.94 -4.27 13.20
N GLU A 12 -13.94 -3.38 13.43
CA GLU A 12 -14.17 -2.22 14.32
C GLU A 12 -15.00 -1.14 13.61
N THR A 13 -14.59 -0.73 12.41
CA THR A 13 -15.18 0.48 11.79
C THR A 13 -16.40 0.16 10.93
N GLY A 14 -16.55 -1.11 10.39
CA GLY A 14 -17.60 -1.44 9.39
C GLY A 14 -17.23 -0.89 7.99
N LYS A 15 -16.04 -0.32 7.84
CA LYS A 15 -15.61 0.28 6.57
C LYS A 15 -14.63 -0.58 5.81
N ASN A 16 -14.65 -0.53 4.46
CA ASN A 16 -13.64 -1.23 3.65
C ASN A 16 -12.29 -0.57 3.95
N PRO A 17 -11.32 -1.33 4.47
CA PRO A 17 -10.10 -0.64 4.93
C PRO A 17 -9.26 -0.04 3.83
N ALA A 18 -9.17 -0.75 2.70
CA ALA A 18 -8.42 -0.24 1.55
C ALA A 18 -9.03 1.09 1.02
N LYS A 19 -10.36 1.12 0.86
CA LYS A 19 -10.98 2.34 0.35
C LYS A 19 -10.81 3.50 1.33
N SER A 20 -11.15 3.26 2.59
CA SER A 20 -11.12 4.35 3.58
C SER A 20 -9.76 4.76 4.09
N TYR A 21 -8.85 3.79 4.19
CA TYR A 21 -7.62 4.10 4.89
C TYR A 21 -6.36 3.69 4.13
N GLY A 22 -6.51 3.17 2.91
CA GLY A 22 -5.29 2.76 2.15
C GLY A 22 -4.42 3.95 1.78
N ALA A 23 -5.02 5.13 1.68
CA ALA A 23 -4.23 6.27 1.35
C ALA A 23 -4.73 7.56 1.98
N TYR A 24 -5.14 7.52 3.21
CA TYR A 24 -5.66 8.70 3.88
C TYR A 24 -4.61 9.60 4.54
N GLY A 25 -4.72 10.91 4.29
CA GLY A 25 -3.92 11.89 5.01
C GLY A 25 -2.45 11.63 4.77
N CYS A 26 -1.63 11.94 5.76
CA CYS A 26 -0.21 11.84 5.56
C CYS A 26 0.38 10.57 6.10
N ASN A 27 -0.43 9.78 6.83
CA ASN A 27 0.09 8.61 7.58
C ASN A 27 -0.62 7.30 7.39
N CYS A 28 -1.87 7.30 6.90
CA CYS A 28 -2.58 6.03 6.69
C CYS A 28 -2.18 5.45 5.34
N GLY A 29 -1.71 4.21 5.29
CA GLY A 29 -1.39 3.55 3.99
C GLY A 29 0.12 3.47 3.75
N VAL A 30 0.54 3.50 2.48
CA VAL A 30 1.95 3.35 2.14
C VAL A 30 2.59 4.67 2.35
N LEU A 31 3.92 4.70 2.19
CA LEU A 31 4.68 5.95 2.20
C LEU A 31 5.00 6.64 3.56
N GLY A 32 5.32 5.90 4.61
CA GLY A 32 5.91 6.57 5.76
C GLY A 32 4.94 7.48 6.50
N ARG A 33 5.50 8.41 7.27
CA ARG A 33 4.73 9.26 8.19
C ARG A 33 4.86 10.72 7.70
N GLY A 34 4.00 11.62 8.21
CA GLY A 34 4.11 13.07 7.97
C GLY A 34 3.30 13.74 9.06
N LYS A 35 3.36 15.06 9.17
CA LYS A 35 2.49 15.74 10.18
C LYS A 35 1.02 15.39 9.93
N PRO A 36 0.31 14.91 10.98
CA PRO A 36 -1.03 14.38 10.78
C PRO A 36 -1.99 15.48 10.37
N LYS A 37 -2.93 15.18 9.48
CA LYS A 37 -3.95 16.14 9.03
CA LYS A 37 -3.91 16.18 9.06
C LYS A 37 -5.09 16.32 10.06
N ASP A 38 -5.40 15.26 10.76
CA ASP A 38 -6.58 15.21 11.67
C ASP A 38 -6.45 14.01 12.63
N ALA A 39 -7.49 13.72 13.41
CA ALA A 39 -7.46 12.64 14.40
C ALA A 39 -7.30 11.22 13.77
N THR A 40 -8.03 10.96 12.69
CA THR A 40 -7.94 9.70 11.93
C THR A 40 -6.47 9.48 11.47
N ASP A 41 -5.89 10.53 10.86
CA ASP A 41 -4.46 10.52 10.38
C ASP A 41 -3.52 10.27 11.56
N ARG A 42 -3.83 10.91 12.71
CA ARG A 42 -3.01 10.70 13.93
C ARG A 42 -3.03 9.25 14.41
N CYS A 43 -4.18 8.57 14.33
CA CYS A 43 -4.22 7.10 14.61
C CYS A 43 -3.15 6.37 13.83
N CYS A 44 -3.02 6.73 12.54
CA CYS A 44 -2.10 5.99 11.63
C CYS A 44 -0.66 6.37 11.92
N TYR A 45 -0.42 7.62 12.34
CA TYR A 45 0.93 8.08 12.78
C TYR A 45 1.35 7.25 14.02
N VAL A 46 0.45 7.11 15.01
CA VAL A 46 0.82 6.36 16.26
C VAL A 46 1.15 4.88 15.89
N HIS A 47 0.36 4.36 14.94
CA HIS A 47 0.46 2.95 14.48
C HIS A 47 1.81 2.74 13.81
N LYS A 48 2.21 3.69 12.97
CA LYS A 48 3.50 3.55 12.29
C LYS A 48 4.64 3.62 13.28
N CYS A 49 4.51 4.47 14.30
CA CYS A 49 5.54 4.50 15.35
C CYS A 49 5.54 3.18 16.18
N CYS A 50 4.37 2.58 16.38
CA CYS A 50 4.23 1.28 17.08
C CYS A 50 5.02 0.21 16.33
N TYR A 51 4.91 0.22 15.01
CA TYR A 51 5.62 -0.76 14.15
C TYR A 51 7.09 -0.48 14.22
N LYS A 52 7.45 0.81 14.29
CA LYS A 52 8.88 1.15 14.09
C LYS A 52 9.67 0.53 15.23
N LYS A 53 8.91 0.56 16.54
CA LYS A 53 9.66 0.03 17.69
C LYS A 53 9.79 -1.47 17.76
N LEU A 54 8.92 -2.20 17.09
CA LEU A 54 8.97 -3.64 17.13
C LEU A 54 10.27 -4.19 16.53
N THR A 55 10.83 -5.20 17.15
CA THR A 55 12.00 -5.93 16.56
C THR A 55 11.74 -7.42 16.63
N GLY A 56 12.12 -8.15 15.61
CA GLY A 56 12.05 -9.61 15.68
C GLY A 56 10.99 -10.24 14.79
N CYS A 57 10.12 -9.40 14.24
CA CYS A 57 9.09 -9.87 13.33
C CYS A 57 8.69 -8.80 12.33
N ASN A 58 7.94 -9.19 11.27
CA ASN A 58 7.73 -8.26 10.14
C ASN A 58 6.28 -7.82 10.15
N PRO A 59 6.01 -6.55 10.45
CA PRO A 59 4.61 -6.15 10.58
C PRO A 59 3.82 -6.28 9.28
N LYS A 60 4.49 -6.16 8.11
CA LYS A 60 3.75 -6.23 6.84
CA LYS A 60 3.81 -6.22 6.80
C LYS A 60 3.30 -7.65 6.44
N LYS A 61 4.19 -8.62 6.59
CA LYS A 61 3.87 -9.93 6.13
C LYS A 61 3.58 -11.01 7.16
N ASP A 62 4.05 -10.85 8.40
CA ASP A 62 3.93 -11.99 9.37
C ASP A 62 2.50 -12.19 9.82
N ARG A 63 1.98 -13.40 9.69
CA ARG A 63 0.58 -13.60 10.12
C ARG A 63 0.58 -13.87 11.63
N TYR A 64 -0.57 -13.69 12.28
CA TYR A 64 -0.70 -14.00 13.71
C TYR A 64 -2.15 -14.34 13.99
N SER A 65 -2.39 -14.87 15.18
CA SER A 65 -3.73 -15.32 15.58
C SER A 65 -4.42 -14.31 16.44
N TYR A 66 -5.66 -13.99 16.14
CA TYR A 66 -6.47 -13.17 17.09
C TYR A 66 -7.89 -13.64 16.94
N SER A 67 -8.73 -13.34 17.94
CA SER A 67 -10.13 -13.76 18.00
C SER A 67 -10.99 -12.54 18.18
N TRP A 68 -12.25 -12.66 17.75
CA TRP A 68 -13.25 -11.63 17.99
C TRP A 68 -14.11 -12.29 19.06
N LYS A 69 -14.07 -11.75 20.26
CA LYS A 69 -14.83 -12.31 21.38
C LYS A 69 -15.61 -11.19 22.04
N ASP A 70 -16.88 -11.37 22.20
CA ASP A 70 -17.75 -10.31 22.77
C ASP A 70 -17.51 -8.94 22.02
N LYS A 71 -17.39 -9.00 20.69
CA LYS A 71 -17.15 -7.83 19.86
C LYS A 71 -15.87 -7.06 20.26
N THR A 72 -14.89 -7.78 20.76
CA THR A 72 -13.59 -7.24 21.12
C THR A 72 -12.50 -8.04 20.39
N ILE A 73 -11.51 -7.34 19.90
CA ILE A 73 -10.32 -8.02 19.37
C ILE A 73 -9.48 -8.57 20.50
N VAL A 74 -9.20 -9.86 20.47
CA VAL A 74 -8.42 -10.45 21.55
C VAL A 74 -7.15 -11.07 20.91
N CYS A 75 -6.00 -10.48 21.19
CA CYS A 75 -4.74 -11.01 20.59
C CYS A 75 -4.34 -12.35 21.20
N GLY A 76 -4.24 -13.35 20.35
CA GLY A 76 -3.67 -14.69 20.75
C GLY A 76 -2.29 -14.58 21.29
N GLU A 77 -1.93 -15.53 22.14
CA GLU A 77 -0.57 -15.40 22.70
C GLU A 77 0.50 -15.28 21.64
N ASN A 78 0.38 -16.03 20.55
CA ASN A 78 1.43 -16.02 19.50
C ASN A 78 2.88 -16.13 20.09
N ASN A 79 3.78 -15.30 19.69
CA ASN A 79 5.02 -15.24 20.35
C ASN A 79 5.09 -13.77 20.62
N PRO A 80 5.95 -13.30 21.55
CA PRO A 80 5.88 -11.88 22.02
C PRO A 80 5.89 -10.79 20.99
N CYS A 81 6.75 -10.90 19.99
CA CYS A 81 6.78 -9.93 18.86
C CYS A 81 5.44 -9.92 18.11
N LEU A 82 4.89 -11.12 17.82
CA LEU A 82 3.63 -11.17 17.07
C LEU A 82 2.48 -10.67 17.93
N LYS A 83 2.58 -10.89 19.24
CA LYS A 83 1.50 -10.38 20.11
C LYS A 83 1.59 -8.84 20.18
N GLU A 84 2.81 -8.27 20.24
CA GLU A 84 2.97 -6.80 20.23
C GLU A 84 2.46 -6.25 18.93
N LEU A 85 2.73 -6.95 17.85
CA LEU A 85 2.24 -6.48 16.54
C LEU A 85 0.70 -6.48 16.51
N CYS A 86 0.11 -7.57 16.99
CA CYS A 86 -1.38 -7.71 16.99
C CYS A 86 -1.91 -6.49 17.84
N GLU A 87 -1.26 -6.21 18.96
CA GLU A 87 -1.66 -5.06 19.78
C GLU A 87 -1.54 -3.72 19.08
N CYS A 88 -0.49 -3.51 18.25
CA CYS A 88 -0.38 -2.26 17.45
C CYS A 88 -1.57 -2.19 16.51
N ASP A 89 -1.92 -3.30 15.87
CA ASP A 89 -2.96 -3.33 14.87
C ASP A 89 -4.38 -3.15 15.50
N LYS A 90 -4.58 -3.80 16.64
CA LYS A 90 -5.78 -3.62 17.42
C LYS A 90 -6.00 -2.15 17.80
N ALA A 91 -4.94 -1.53 18.29
CA ALA A 91 -5.04 -0.16 18.76
C ALA A 91 -5.40 0.76 17.62
N VAL A 92 -4.83 0.56 16.43
CA VAL A 92 -5.17 1.46 15.33
C VAL A 92 -6.61 1.25 14.88
N ALA A 93 -7.07 0.01 14.83
CA ALA A 93 -8.48 -0.26 14.42
C ALA A 93 -9.46 0.43 15.38
N ILE A 94 -9.17 0.36 16.67
CA ILE A 94 -10.01 1.02 17.71
C ILE A 94 -9.93 2.53 17.54
N CYS A 95 -8.72 3.05 17.32
CA CYS A 95 -8.55 4.50 17.17
C CYS A 95 -9.31 5.04 15.93
N LEU A 96 -9.23 4.34 14.81
CA LEU A 96 -9.92 4.73 13.58
C LEU A 96 -11.44 4.74 13.82
N ARG A 97 -11.96 3.68 14.46
CA ARG A 97 -13.39 3.63 14.75
C ARG A 97 -13.76 4.82 15.66
N GLU A 98 -12.95 5.09 16.68
CA GLU A 98 -13.27 6.20 17.60
C GLU A 98 -13.41 7.54 16.89
N ASN A 99 -12.71 7.68 15.74
CA ASN A 99 -12.57 8.98 15.08
C ASN A 99 -13.36 9.07 13.78
N LEU A 100 -14.26 8.12 13.58
CA LEU A 100 -15.08 8.17 12.36
C LEU A 100 -15.85 9.49 12.20
N GLY A 101 -16.32 10.07 13.33
CA GLY A 101 -17.06 11.28 13.30
C GLY A 101 -16.39 12.49 12.66
N THR A 102 -15.05 12.49 12.58
CA THR A 102 -14.35 13.61 11.92
C THR A 102 -13.63 13.16 10.65
N TYR A 103 -13.83 11.90 10.25
CA TYR A 103 -13.20 11.42 9.00
C TYR A 103 -13.61 12.34 7.87
N ASN A 104 -12.65 12.73 7.01
CA ASN A 104 -12.92 13.69 5.96
C ASN A 104 -12.54 13.11 4.62
N LYS A 105 -13.54 12.83 3.80
CA LYS A 105 -13.26 12.18 2.50
C LYS A 105 -12.23 12.97 1.68
N LEU A 106 -12.10 14.29 1.92
CA LEU A 106 -11.08 15.08 1.17
C LEU A 106 -9.68 14.53 1.30
N TYR A 107 -9.36 13.89 2.42
CA TYR A 107 -8.00 13.39 2.69
C TYR A 107 -7.77 11.99 2.12
N ARG A 108 -8.84 11.39 1.60
CA ARG A 108 -8.77 10.06 1.04
C ARG A 108 -7.95 10.22 -0.25
N TYR A 109 -7.26 9.16 -0.64
CA TYR A 109 -6.39 9.24 -1.84
C TYR A 109 -5.51 10.47 -1.86
N HIS A 110 -5.10 10.94 -0.69
CA HIS A 110 -4.32 12.20 -0.50
C HIS A 110 -2.98 12.18 -1.19
N LEU A 111 -2.48 13.39 -1.50
CA LEU A 111 -1.14 13.63 -2.16
C LEU A 111 0.01 13.59 -1.13
N LYS A 112 0.56 12.42 -0.88
CA LYS A 112 1.46 12.26 0.25
C LYS A 112 2.81 12.93 0.10
N PRO A 113 3.31 12.98 -1.13
CA PRO A 113 4.63 13.54 -1.42
C PRO A 113 4.67 15.00 -1.01
N PHE A 114 3.50 15.60 -0.97
CA PHE A 114 3.33 16.83 -0.31
C PHE A 114 2.69 16.47 1.02
N CYS A 115 3.51 16.20 2.01
CA CYS A 115 3.11 16.21 3.39
C CYS A 115 4.28 16.80 4.10
N LYS A 116 4.03 17.51 5.18
CA LYS A 116 5.08 18.07 5.98
C LYS A 116 5.83 16.94 6.67
N LYS A 117 7.06 17.21 7.08
CA LYS A 117 7.91 16.21 7.69
C LYS A 117 7.49 15.85 9.09
N ALA A 118 7.57 14.57 9.41
CA ALA A 118 7.09 14.08 10.69
C ALA A 118 8.18 14.25 11.77
N ASP A 119 7.78 14.77 12.94
CA ASP A 119 8.56 14.60 14.17
C ASP A 119 8.99 13.15 14.31
N ASP A 120 10.09 12.91 15.03
CA ASP A 120 10.54 11.55 15.31
C ASP A 120 9.61 10.90 16.29
N CYS A 121 9.51 9.57 16.21
CA CYS A 121 8.53 8.83 17.02
C CYS A 121 8.81 8.99 18.47
N SER B 1 11.25 4.25 -6.16
CA SER B 1 10.40 4.10 -4.93
C SER B 1 8.94 4.33 -5.36
N LEU B 2 8.04 4.13 -4.40
CA LEU B 2 6.62 4.40 -4.60
C LEU B 2 6.33 5.84 -5.08
N PHE B 3 7.18 6.80 -4.71
CA PHE B 3 7.04 8.15 -5.21
C PHE B 3 7.17 8.26 -6.71
N GLU B 4 8.22 7.64 -7.26
CA GLU B 4 8.47 7.66 -8.72
C GLU B 4 7.40 6.83 -9.41
N LEU B 5 7.02 5.70 -8.79
CA LEU B 5 6.04 4.83 -9.44
C LEU B 5 4.70 5.55 -9.59
N GLY B 6 4.27 6.16 -8.51
CA GLY B 6 2.99 6.83 -8.46
C GLY B 6 2.98 7.96 -9.51
N LYS B 7 4.03 8.75 -9.53
CA LYS B 7 4.17 9.86 -10.49
C LYS B 7 4.12 9.35 -11.94
N MET B 8 4.86 8.28 -12.25
CA MET B 8 4.75 7.72 -13.62
C MET B 8 3.34 7.30 -13.96
N ILE B 9 2.65 6.63 -13.02
CA ILE B 9 1.23 6.20 -13.28
C ILE B 9 0.36 7.43 -13.54
N LEU B 10 0.53 8.46 -12.71
CA LEU B 10 -0.20 9.71 -12.96
C LEU B 10 0.14 10.30 -14.35
N GLN B 11 1.41 10.31 -14.69
CA GLN B 11 1.75 10.99 -15.95
C GLN B 11 1.16 10.21 -17.14
N GLU B 12 1.28 8.85 -17.11
CA GLU B 12 0.76 8.01 -18.18
C GLU B 12 -0.74 7.99 -18.23
N THR B 13 -1.39 7.68 -17.12
CA THR B 13 -2.84 7.41 -17.14
C THR B 13 -3.73 8.65 -16.97
N GLY B 14 -3.18 9.75 -16.28
CA GLY B 14 -3.99 10.90 -15.78
C GLY B 14 -4.89 10.50 -14.59
N LYS B 15 -4.70 9.30 -14.05
CA LYS B 15 -5.47 8.90 -12.89
C LYS B 15 -4.71 9.02 -11.61
N ASN B 16 -5.43 9.39 -10.55
CA ASN B 16 -4.92 9.27 -9.17
C ASN B 16 -4.47 7.81 -8.90
N PRO B 17 -3.17 7.59 -8.65
CA PRO B 17 -2.74 6.15 -8.67
C PRO B 17 -3.25 5.37 -7.45
N ALA B 18 -3.35 6.05 -6.31
CA ALA B 18 -3.82 5.44 -5.07
C ALA B 18 -5.28 5.03 -5.25
N LYS B 19 -6.07 5.93 -5.81
CA LYS B 19 -7.50 5.64 -5.98
C LYS B 19 -7.72 4.49 -6.98
N SER B 20 -7.09 4.57 -8.16
CA SER B 20 -7.35 3.61 -9.23
C SER B 20 -6.62 2.29 -9.05
N TYR B 21 -5.41 2.36 -8.49
CA TYR B 21 -4.50 1.18 -8.56
C TYR B 21 -3.98 0.71 -7.20
N GLY B 22 -4.31 1.43 -6.12
CA GLY B 22 -3.84 1.04 -4.73
C GLY B 22 -4.28 -0.32 -4.24
N ALA B 23 -5.41 -0.79 -4.72
CA ALA B 23 -5.99 -2.05 -4.26
C ALA B 23 -6.82 -2.66 -5.39
N TYR B 24 -6.32 -2.65 -6.61
CA TYR B 24 -7.14 -3.20 -7.68
C TYR B 24 -6.80 -4.67 -7.95
N GLY B 25 -7.85 -5.47 -8.10
CA GLY B 25 -7.72 -6.86 -8.53
C GLY B 25 -6.90 -7.62 -7.52
N CYS B 26 -6.23 -8.65 -8.01
CA CYS B 26 -5.46 -9.53 -7.16
C CYS B 26 -3.98 -9.12 -7.12
N ASN B 27 -3.58 -8.15 -7.96
CA ASN B 27 -2.17 -7.82 -8.10
C ASN B 27 -1.77 -6.34 -7.92
N CYS B 28 -2.68 -5.40 -8.13
CA CYS B 28 -2.33 -3.96 -8.02
C CYS B 28 -2.37 -3.55 -6.54
N GLY B 29 -1.23 -3.11 -6.01
CA GLY B 29 -1.17 -2.55 -4.64
C GLY B 29 -0.50 -3.47 -3.63
N VAL B 30 -1.03 -3.53 -2.40
CA VAL B 30 -0.29 -4.20 -1.33
C VAL B 30 -0.43 -5.72 -1.51
N LEU B 31 0.34 -6.49 -0.74
CA LEU B 31 0.28 -7.94 -0.81
C LEU B 31 1.10 -8.45 -2.02
N GLY B 32 0.94 -9.71 -2.36
CA GLY B 32 1.72 -10.23 -3.45
C GLY B 32 0.88 -10.33 -4.70
N ARG B 33 1.08 -11.43 -5.44
CA ARG B 33 0.40 -11.71 -6.66
C ARG B 33 -0.72 -12.67 -6.42
N GLY B 34 -1.60 -12.72 -7.42
CA GLY B 34 -2.56 -13.81 -7.47
C GLY B 34 -2.99 -14.00 -8.91
N LYS B 35 -3.80 -15.01 -9.23
CA LYS B 35 -4.37 -15.05 -10.60
C LYS B 35 -5.01 -13.68 -10.99
N PRO B 36 -4.58 -13.10 -12.11
CA PRO B 36 -5.10 -11.77 -12.51
C PRO B 36 -6.58 -11.81 -12.91
N LYS B 37 -7.31 -10.76 -12.52
CA LYS B 37 -8.75 -10.70 -12.85
C LYS B 37 -9.00 -10.19 -14.28
N ASP B 38 -8.08 -9.37 -14.83
CA ASP B 38 -8.24 -8.76 -16.15
C ASP B 38 -6.88 -8.20 -16.64
N ALA B 39 -6.90 -7.45 -17.74
CA ALA B 39 -5.66 -6.94 -18.31
C ALA B 39 -4.90 -5.96 -17.42
N THR B 40 -5.66 -5.07 -16.76
CA THR B 40 -5.08 -4.06 -15.89
C THR B 40 -4.40 -4.80 -14.75
N ASP B 41 -5.11 -5.78 -14.15
CA ASP B 41 -4.54 -6.60 -13.06
C ASP B 41 -3.28 -7.35 -13.52
N ARG B 42 -3.34 -7.88 -14.75
CA ARG B 42 -2.16 -8.56 -15.30
C ARG B 42 -0.96 -7.60 -15.43
N CYS B 43 -1.17 -6.31 -15.75
CA CYS B 43 -0.01 -5.38 -15.77
C CYS B 43 0.68 -5.43 -14.41
N CYS B 44 -0.13 -5.43 -13.32
CA CYS B 44 0.45 -5.38 -11.97
C CYS B 44 1.16 -6.69 -11.62
N TYR B 45 0.66 -7.79 -12.18
CA TYR B 45 1.24 -9.12 -11.98
C TYR B 45 2.60 -9.14 -12.63
N VAL B 46 2.65 -8.72 -13.89
CA VAL B 46 3.98 -8.60 -14.59
C VAL B 46 4.96 -7.75 -13.78
N HIS B 47 4.47 -6.60 -13.23
CA HIS B 47 5.29 -5.67 -12.47
C HIS B 47 5.86 -6.35 -11.22
N LYS B 48 4.99 -7.06 -10.51
CA LYS B 48 5.51 -7.78 -9.33
C LYS B 48 6.55 -8.86 -9.68
N CYS B 49 6.34 -9.57 -10.79
CA CYS B 49 7.33 -10.51 -11.31
C CYS B 49 8.68 -9.77 -11.65
N CYS B 50 8.58 -8.56 -12.20
CA CYS B 50 9.73 -7.77 -12.61
C CYS B 50 10.57 -7.47 -11.38
N TYR B 51 9.92 -7.12 -10.27
CA TYR B 51 10.60 -6.72 -9.08
C TYR B 51 11.42 -7.91 -8.48
N LYS B 52 10.99 -9.13 -8.68
CA LYS B 52 11.65 -10.30 -8.06
C LYS B 52 13.07 -10.54 -8.49
N LYS B 53 13.55 -10.03 -9.68
CA LYS B 53 14.89 -10.20 -10.21
C LYS B 53 15.79 -9.15 -9.61
N LEU B 54 15.23 -8.12 -8.99
CA LEU B 54 16.07 -7.03 -8.48
C LEU B 54 17.04 -7.42 -7.38
N THR B 55 18.33 -7.16 -7.60
CA THR B 55 19.38 -7.44 -6.60
C THR B 55 20.09 -6.15 -6.24
N GLY B 56 19.98 -5.77 -4.98
CA GLY B 56 20.83 -4.71 -4.46
C GLY B 56 20.16 -3.37 -4.44
N CYS B 57 18.82 -3.38 -4.45
CA CYS B 57 18.07 -2.16 -4.28
C CYS B 57 16.65 -2.52 -3.88
N ASN B 58 15.91 -1.69 -3.01
CA ASN B 58 14.59 -1.81 -2.45
C ASN B 58 13.57 -1.08 -3.32
N PRO B 59 12.73 -1.83 -4.04
CA PRO B 59 11.80 -1.22 -4.98
C PRO B 59 10.79 -0.25 -4.34
N LYS B 60 10.60 -0.35 -3.02
CA LYS B 60 9.65 0.46 -2.29
C LYS B 60 10.24 1.73 -1.83
N LYS B 61 11.46 1.66 -1.33
CA LYS B 61 12.06 2.79 -0.65
C LYS B 61 13.08 3.55 -1.44
N ASP B 62 13.76 2.89 -2.37
CA ASP B 62 14.91 3.53 -3.06
C ASP B 62 14.46 4.46 -4.19
N ARG B 63 14.87 5.73 -4.08
CA ARG B 63 14.64 6.72 -5.08
C ARG B 63 15.57 6.43 -6.28
N TYR B 64 15.14 6.94 -7.43
CA TYR B 64 15.94 6.92 -8.63
C TYR B 64 15.50 8.07 -9.52
N SER B 65 16.31 8.42 -10.53
CA SER B 65 16.02 9.57 -11.41
C SER B 65 15.41 9.17 -12.75
N TYR B 66 14.38 9.88 -13.16
CA TYR B 66 13.83 9.71 -14.48
C TYR B 66 13.33 11.05 -14.89
N SER B 67 13.10 11.23 -16.20
CA SER B 67 12.53 12.48 -16.69
C SER B 67 11.42 12.23 -17.71
N TRP B 68 10.59 13.24 -17.98
CA TRP B 68 9.42 13.16 -18.79
C TRP B 68 9.79 13.94 -20.06
N LYS B 69 10.11 13.23 -21.14
CA LYS B 69 10.63 13.88 -22.34
C LYS B 69 9.71 13.56 -23.48
N ASP B 70 9.20 14.56 -24.21
CA ASP B 70 8.21 14.28 -25.25
C ASP B 70 7.12 13.32 -24.75
N LYS B 71 6.61 13.58 -23.53
CA LYS B 71 5.53 12.78 -22.96
C LYS B 71 5.90 11.27 -22.94
N THR B 72 7.18 11.03 -22.61
CA THR B 72 7.72 9.70 -22.47
C THR B 72 8.50 9.62 -21.20
N ILE B 73 8.38 8.52 -20.48
CA ILE B 73 9.22 8.30 -19.29
C ILE B 73 10.58 7.86 -19.78
N VAL B 74 11.60 8.57 -19.32
CA VAL B 74 12.97 8.24 -19.71
C VAL B 74 13.78 7.97 -18.43
N CYS B 75 14.15 6.70 -18.20
CA CYS B 75 14.95 6.37 -17.02
C CYS B 75 16.35 6.99 -17.13
N GLY B 76 16.83 7.57 -16.05
CA GLY B 76 18.20 8.05 -15.99
C GLY B 76 19.12 6.84 -15.81
N GLU B 77 20.33 6.96 -16.34
CA GLU B 77 21.32 5.92 -16.09
CA GLU B 77 21.34 5.96 -16.08
C GLU B 77 21.52 6.01 -14.57
N ASN B 78 20.99 5.04 -13.88
CA ASN B 78 21.11 5.04 -12.45
C ASN B 78 22.17 3.93 -12.36
N ASN B 79 22.33 3.29 -11.23
CA ASN B 79 23.14 2.08 -11.22
C ASN B 79 22.29 0.93 -11.77
N PRO B 80 22.92 -0.49 -11.97
CA PRO B 80 22.14 -1.49 -12.69
C PRO B 80 20.83 -1.79 -11.97
N CYS B 81 20.82 -1.87 -10.62
CA CYS B 81 19.59 -2.22 -9.91
C CYS B 81 18.50 -1.16 -10.09
N LEU B 82 18.89 0.09 -9.90
CA LEU B 82 17.93 1.19 -9.98
C LEU B 82 17.44 1.40 -11.41
N LYS B 83 18.29 1.21 -12.39
CA LYS B 83 17.82 1.36 -13.76
CA LYS B 83 17.87 1.33 -13.82
C LYS B 83 16.77 0.27 -14.07
N GLU B 84 17.03 -0.97 -13.63
CA GLU B 84 16.05 -2.05 -13.83
C GLU B 84 14.73 -1.74 -13.12
N LEU B 85 14.84 -1.25 -11.89
CA LEU B 85 13.69 -0.82 -11.10
C LEU B 85 12.92 0.27 -11.82
N CYS B 86 13.62 1.29 -12.27
CA CYS B 86 12.95 2.33 -13.07
C CYS B 86 12.23 1.75 -14.31
N GLU B 87 12.88 0.84 -15.06
CA GLU B 87 12.26 0.16 -16.21
C GLU B 87 11.03 -0.67 -15.86
N CYS B 88 11.08 -1.33 -14.71
CA CYS B 88 9.91 -2.08 -14.25
C CYS B 88 8.72 -1.12 -14.03
N ASP B 89 9.01 0.01 -13.39
CA ASP B 89 7.94 0.98 -13.02
C ASP B 89 7.40 1.65 -14.29
N LYS B 90 8.31 1.96 -15.24
CA LYS B 90 7.90 2.56 -16.49
C LYS B 90 6.94 1.62 -17.21
N ALA B 91 7.36 0.34 -17.31
CA ALA B 91 6.54 -0.61 -18.06
C ALA B 91 5.15 -0.75 -17.42
N VAL B 92 5.05 -0.80 -16.09
CA VAL B 92 3.72 -0.94 -15.53
C VAL B 92 2.86 0.34 -15.78
N ALA B 93 3.48 1.50 -15.69
CA ALA B 93 2.74 2.73 -15.99
C ALA B 93 2.17 2.73 -17.43
N ILE B 94 2.98 2.38 -18.42
CA ILE B 94 2.49 2.26 -19.81
C ILE B 94 1.41 1.19 -19.93
N CYS B 95 1.62 0.00 -19.34
CA CYS B 95 0.63 -1.08 -19.50
C CYS B 95 -0.72 -0.65 -18.89
N LEU B 96 -0.71 -0.05 -17.69
CA LEU B 96 -1.96 0.42 -17.07
C LEU B 96 -2.66 1.39 -18.01
N ARG B 97 -1.93 2.35 -18.58
CA ARG B 97 -2.54 3.27 -19.56
C ARG B 97 -3.15 2.51 -20.75
N GLU B 98 -2.38 1.55 -21.30
CA GLU B 98 -2.83 0.84 -22.54
C GLU B 98 -4.11 0.06 -22.26
N ASN B 99 -4.35 -0.27 -21.00
CA ASN B 99 -5.49 -1.07 -20.66
C ASN B 99 -6.58 -0.34 -19.94
N LEU B 100 -6.55 0.99 -19.94
CA LEU B 100 -7.67 1.74 -19.34
C LEU B 100 -9.07 1.45 -19.95
N GLY B 101 -9.08 1.02 -21.21
CA GLY B 101 -10.31 0.62 -21.92
C GLY B 101 -11.08 -0.49 -21.26
N THR B 102 -10.42 -1.33 -20.47
CA THR B 102 -11.16 -2.47 -19.86
C THR B 102 -11.16 -2.35 -18.34
N TYR B 103 -10.62 -1.21 -17.82
CA TYR B 103 -10.59 -0.94 -16.36
C TYR B 103 -11.99 -1.15 -15.78
N ASN B 104 -12.12 -1.93 -14.72
CA ASN B 104 -13.45 -2.16 -14.14
C ASN B 104 -13.49 -1.72 -12.68
N LYS B 105 -14.24 -0.65 -12.38
CA LYS B 105 -14.24 -0.09 -11.01
C LYS B 105 -14.66 -1.11 -9.96
N LEU B 106 -15.41 -2.12 -10.38
CA LEU B 106 -15.78 -3.24 -9.48
C LEU B 106 -14.57 -3.95 -8.86
N TYR B 107 -13.40 -3.91 -9.55
CA TYR B 107 -12.20 -4.58 -9.04
C TYR B 107 -11.39 -3.72 -8.09
N ARG B 108 -11.85 -2.46 -7.91
CA ARG B 108 -11.19 -1.48 -7.07
C ARG B 108 -11.53 -1.90 -5.58
N TYR B 109 -10.58 -1.63 -4.69
CA TYR B 109 -10.59 -2.06 -3.30
C TYR B 109 -11.03 -3.51 -3.09
N HIS B 110 -10.56 -4.39 -3.97
CA HIS B 110 -10.92 -5.81 -4.09
C HIS B 110 -10.61 -6.64 -2.85
N LEU B 111 -11.31 -7.79 -2.71
CA LEU B 111 -11.05 -8.82 -1.66
C LEU B 111 -9.89 -9.75 -1.92
N LYS B 112 -8.69 -9.26 -1.61
CA LYS B 112 -7.46 -9.95 -1.95
CA LYS B 112 -7.43 -9.92 -1.92
C LYS B 112 -7.09 -11.17 -1.14
N PRO B 113 -7.73 -11.39 -0.01
CA PRO B 113 -7.68 -12.67 0.69
C PRO B 113 -8.23 -13.87 -0.06
N PHE B 114 -9.16 -13.72 -1.00
CA PHE B 114 -9.70 -14.86 -1.73
C PHE B 114 -9.11 -15.09 -3.09
N CYS B 115 -8.22 -14.23 -3.53
CA CYS B 115 -7.57 -14.43 -4.81
C CYS B 115 -6.92 -15.79 -4.85
N LYS B 116 -7.06 -16.45 -6.00
CA LYS B 116 -6.36 -17.67 -6.29
C LYS B 116 -4.85 -17.48 -6.35
N LYS B 117 -4.12 -18.53 -6.04
CA LYS B 117 -2.67 -18.52 -6.05
C LYS B 117 -2.08 -18.24 -7.43
N ALA B 118 -1.07 -17.39 -7.48
CA ALA B 118 -0.44 -17.03 -8.74
C ALA B 118 0.42 -18.19 -9.25
N ASP B 119 0.46 -18.29 -10.57
CA ASP B 119 1.47 -19.12 -11.26
C ASP B 119 2.90 -18.54 -11.07
N ASP B 120 3.88 -19.37 -11.32
CA ASP B 120 5.27 -18.96 -11.18
C ASP B 120 5.40 -17.93 -12.27
N CYS B 121 6.31 -16.99 -12.06
CA CYS B 121 6.58 -15.92 -13.07
C CYS B 121 7.29 -16.55 -14.26
C1 IPA C . -3.54 1.66 9.40
C2 IPA C . -3.37 2.25 8.01
C3 IPA C . -3.88 1.33 6.90
O2 IPA C . -1.96 2.62 7.84
C1 IPA D . -5.20 -0.42 4.43
C2 IPA D . -5.13 -1.93 4.35
C3 IPA D . -4.88 -2.51 5.72
O2 IPA D . -4.07 -2.35 3.46
C1 IPA E . -19.59 5.48 0.70
C2 IPA E . -18.77 5.64 1.98
C3 IPA E . -19.05 6.92 2.75
O2 IPA E . -17.37 5.63 1.66
C1 IPA F . -11.18 8.57 21.74
C2 IPA F . -12.57 9.09 21.42
C3 IPA F . -13.60 7.96 21.26
O2 IPA F . -12.53 9.98 20.28
CAU ROA G . -10.23 -11.44 5.91
CAV ROA G . -9.15 -10.58 5.84
OAY ROA G . -7.88 -11.04 6.04
CAW ROA G . -9.26 -9.22 5.48
OAZ ROA G . -8.08 -8.54 5.47
CAX ROA G . -10.51 -8.65 5.22
CAT ROA G . -11.55 -9.52 5.25
CAS ROA G . -11.47 -10.90 5.61
CAO ROA G . -12.68 -11.85 5.66
CAN ROA G . -13.55 -11.80 6.93
CAP ROA G . -14.46 -12.95 7.12
OAR ROA G . -15.18 -13.41 6.17
OAQ ROA G . -14.54 -13.43 8.30
OAM ROA G . -14.43 -10.69 6.77
CAK ROA G . -15.08 -10.43 8.01
OAL ROA G . -15.10 -11.27 8.91
CAJ ROA G . -15.80 -9.17 8.10
CAI ROA G . -16.71 -9.07 9.05
CAC ROA G . -17.33 -7.78 8.89
CAD ROA G . -17.40 -7.01 9.96
CAE ROA G . -18.00 -5.80 9.75
OAG ROA G . -18.01 -4.97 10.82
CAF ROA G . -18.52 -5.41 8.42
OAH ROA G . -19.09 -4.22 8.28
CAB ROA G . -18.47 -6.25 7.30
CAA ROA G . -17.86 -7.47 7.62
C1 IPA H . 0.43 0.11 -7.98
C2 IPA H . 1.31 -1.09 -8.24
C3 IPA H . 1.53 -1.17 -9.76
O2 IPA H . 0.81 -2.38 -7.71
C1 IPA I . 16.92 6.52 -1.59
C2 IPA I . 17.65 7.79 -1.09
C3 IPA I . 16.72 8.85 -0.51
O2 IPA I . 18.41 8.38 -2.15
C1 IPA J . 13.24 -12.40 -11.62
C2 IPA J . 14.03 -13.56 -11.04
C3 IPA J . 13.09 -14.74 -10.79
O2 IPA J . 14.76 -13.21 -9.82
C1 IPA K . -10.75 -15.35 -10.11
C2 IPA K . -9.27 -15.30 -10.56
C3 IPA K . -8.36 -14.72 -9.47
O2 IPA K . -9.13 -14.51 -11.77
O22 P33 L . -0.65 17.90 -8.80
C21 P33 L . 0.66 18.35 -8.40
C20 P33 L . 1.29 19.43 -9.31
O19 P33 L . 2.50 20.02 -8.77
C18 P33 L . 3.30 20.86 -9.62
C17 P33 L . 4.64 20.16 -9.96
O16 P33 L . 4.79 18.86 -9.31
C15 P33 L . 4.33 17.72 -10.06
C14 P33 L . 4.65 16.39 -9.38
O13 P33 L . 3.55 15.82 -8.64
C12 P33 L . 4.00 14.75 -7.77
C11 P33 L . 2.87 13.88 -7.25
O10 P33 L . 3.08 12.55 -7.72
C9 P33 L . 3.64 11.57 -6.80
C8 P33 L . 2.57 10.49 -6.54
O7 P33 L . 2.99 9.51 -5.57
C6 P33 L . 1.95 8.81 -4.83
C5 P33 L . 2.23 7.30 -4.80
O4 P33 L . 1.10 6.46 -4.46
C3 P33 L . 0.75 5.51 -5.50
C2 P33 L . 0.87 4.02 -5.15
O1 P33 L . 0.40 3.26 -6.28
#